data_5CDJ
#
_entry.id   5CDJ
#
_cell.length_a   33.912
_cell.length_b   53.024
_cell.length_c   59.311
_cell.angle_alpha   110.02
_cell.angle_beta   106.32
_cell.angle_gamma   91.42
#
_symmetry.space_group_name_H-M   'P 1'
#
loop_
_entity.id
_entity.type
_entity.pdbx_description
1 polymer 'RuBisCO large subunit-binding protein subunit alpha, chloroplastic'
2 water water
#
_entity_poly.entity_id   1
_entity_poly.type   'polypeptide(L)'
_entity_poly.pdbx_seq_one_letter_code
;SEGMEIDRGYISPQFVTNQERLLVEYDNCRVLVTDQKIDAIRDIIPILEQVTRLNAPLLIIAEDVSGEALATLVVNKLRG
VLNVCAIKAPGFGERRKSLLQDIAIVTGAEFIAKDLGMKVEQAVVEQLGVARKVTVANNTTTLIADAASKDEIEMRIAQL
KKELAETDSVYDTEKLSERIAKLSGG
;
_entity_poly.pdbx_strand_id   A,B
#
# COMPACT_ATOMS: atom_id res chain seq x y z
N GLY A 3 -22.35 8.50 7.86
CA GLY A 3 -22.38 8.57 6.40
C GLY A 3 -22.24 7.21 5.76
N MET A 4 -21.99 7.20 4.46
CA MET A 4 -21.84 5.96 3.71
C MET A 4 -20.41 5.44 3.72
N GLU A 5 -20.22 4.23 4.21
CA GLU A 5 -18.88 3.66 4.33
C GLU A 5 -18.54 2.68 3.22
N ILE A 6 -17.28 2.68 2.82
CA ILE A 6 -16.74 1.75 1.83
C ILE A 6 -15.57 1.02 2.46
N ASP A 7 -15.56 -0.31 2.35
CA ASP A 7 -14.56 -1.14 3.02
C ASP A 7 -13.22 -1.18 2.29
N ARG A 8 -12.80 -0.02 1.80
CA ARG A 8 -11.51 0.11 1.12
C ARG A 8 -10.84 1.39 1.59
N GLY A 9 -9.53 1.36 1.75
CA GLY A 9 -8.79 2.55 2.17
C GLY A 9 -7.90 3.11 1.08
N TYR A 10 -7.03 4.07 1.43
CA TYR A 10 -6.19 4.69 0.41
C TYR A 10 -5.20 3.71 -0.20
N ILE A 11 -5.01 3.82 -1.52
CA ILE A 11 -4.14 2.93 -2.26
C ILE A 11 -2.68 3.23 -1.92
N SER A 12 -2.41 4.48 -1.58
CA SER A 12 -1.12 4.87 -1.03
C SER A 12 -1.28 5.81 0.16
N PRO A 13 -0.47 5.60 1.21
CA PRO A 13 -0.52 6.46 2.39
C PRO A 13 0.00 7.87 2.10
N GLN A 14 0.60 8.06 0.93
CA GLN A 14 1.12 9.37 0.55
C GLN A 14 -0.01 10.38 0.28
N PHE A 15 -1.24 9.89 0.15
CA PHE A 15 -2.40 10.74 -0.11
C PHE A 15 -2.90 11.43 1.16
N VAL A 16 -2.41 10.99 2.31
CA VAL A 16 -2.84 11.50 3.61
C VAL A 16 -2.72 13.03 3.72
N THR A 17 -3.77 13.64 4.27
CA THR A 17 -3.77 15.09 4.51
C THR A 17 -3.65 15.39 6.01
N ASN A 18 -4.10 14.45 6.83
CA ASN A 18 -4.01 14.56 8.28
C ASN A 18 -2.86 13.68 8.77
N GLN A 19 -1.71 14.30 8.99
CA GLN A 19 -0.50 13.56 9.35
C GLN A 19 -0.61 12.88 10.70
N GLU A 20 -1.34 13.51 11.62
CA GLU A 20 -1.48 12.97 12.97
C GLU A 20 -2.36 11.72 13.01
N ARG A 21 -3.46 11.75 12.27
CA ARG A 21 -4.42 10.65 12.30
C ARG A 21 -4.27 9.69 11.12
N LEU A 22 -3.36 10.02 10.20
CA LEU A 22 -3.16 9.27 8.97
C LEU A 22 -4.48 9.09 8.21
N LEU A 23 -5.16 10.22 8.00
CA LEU A 23 -6.41 10.24 7.26
C LEU A 23 -6.33 11.16 6.04
N VAL A 24 -7.16 10.87 5.05
CA VAL A 24 -7.42 11.80 3.96
C VAL A 24 -8.74 12.47 4.27
N GLU A 25 -8.75 13.80 4.31
CA GLU A 25 -9.95 14.53 4.70
C GLU A 25 -10.29 15.61 3.68
N TYR A 26 -11.38 15.40 2.94
CA TYR A 26 -11.81 16.34 1.89
C TYR A 26 -13.16 16.98 2.19
N ASP A 27 -13.33 18.22 1.73
CA ASP A 27 -14.65 18.85 1.68
C ASP A 27 -15.02 19.10 0.23
N ASN A 28 -16.29 18.87 -0.12
CA ASN A 28 -16.80 19.14 -1.46
C ASN A 28 -15.94 18.52 -2.56
N CYS A 29 -15.79 17.21 -2.50
CA CYS A 29 -14.88 16.47 -3.34
C CYS A 29 -15.56 15.93 -4.60
N ARG A 30 -14.87 16.01 -5.74
CA ARG A 30 -15.35 15.38 -6.97
C ARG A 30 -14.98 13.90 -6.94
N VAL A 31 -15.84 13.04 -7.49
CA VAL A 31 -15.64 11.59 -7.41
C VAL A 31 -15.65 10.91 -8.77
N LEU A 32 -14.57 10.22 -9.10
CA LEU A 32 -14.50 9.40 -10.30
C LEU A 32 -14.89 7.97 -9.93
N VAL A 33 -15.89 7.42 -10.62
CA VAL A 33 -16.34 6.04 -10.35
C VAL A 33 -16.16 5.15 -11.56
N THR A 34 -15.31 4.13 -11.43
CA THR A 34 -15.06 3.20 -12.53
C THR A 34 -14.70 1.81 -12.04
N ASP A 35 -14.96 0.79 -12.87
CA ASP A 35 -14.50 -0.55 -12.55
C ASP A 35 -13.31 -0.93 -13.43
N GLN A 36 -12.72 0.06 -14.09
CA GLN A 36 -11.51 -0.13 -14.89
C GLN A 36 -10.26 -0.02 -14.03
N LYS A 37 -9.19 -0.69 -14.45
CA LYS A 37 -7.88 -0.46 -13.85
C LYS A 37 -7.27 0.82 -14.42
N ILE A 38 -6.62 1.60 -13.57
CA ILE A 38 -5.92 2.80 -14.01
C ILE A 38 -4.43 2.64 -13.73
N ASP A 39 -3.66 2.45 -14.79
CA ASP A 39 -2.22 2.16 -14.66
C ASP A 39 -1.42 2.97 -15.66
N ALA A 40 -1.91 3.04 -16.90
CA ALA A 40 -1.27 3.85 -17.93
C ALA A 40 -1.49 5.33 -17.65
N ILE A 41 -0.43 6.13 -17.78
CA ILE A 41 -0.53 7.55 -17.48
C ILE A 41 -1.50 8.26 -18.41
N ARG A 42 -1.60 7.78 -19.65
CA ARG A 42 -2.48 8.42 -20.65
C ARG A 42 -3.95 8.36 -20.22
N ASP A 43 -4.30 7.34 -19.45
CA ASP A 43 -5.67 7.16 -18.99
C ASP A 43 -6.10 8.23 -17.99
N ILE A 44 -5.15 8.70 -17.19
CA ILE A 44 -5.48 9.56 -16.05
C ILE A 44 -5.19 11.04 -16.31
N ILE A 45 -4.31 11.34 -17.25
CA ILE A 45 -3.91 12.71 -17.53
C ILE A 45 -5.07 13.66 -17.88
N PRO A 46 -5.99 13.25 -18.79
CA PRO A 46 -7.04 14.20 -19.15
C PRO A 46 -7.91 14.67 -17.98
N ILE A 47 -8.39 13.76 -17.16
CA ILE A 47 -9.27 14.16 -16.07
C ILE A 47 -8.50 14.89 -14.98
N LEU A 48 -7.21 14.57 -14.82
CA LEU A 48 -6.40 15.24 -13.82
C LEU A 48 -6.18 16.70 -14.18
N GLU A 49 -5.89 16.95 -15.45
CA GLU A 49 -5.76 18.32 -15.97
C GLU A 49 -7.03 19.12 -15.74
N GLN A 50 -8.18 18.52 -16.02
CA GLN A 50 -9.47 19.19 -15.86
C GLN A 50 -9.77 19.53 -14.40
N VAL A 51 -9.53 18.58 -13.51
CA VAL A 51 -9.85 18.76 -12.10
C VAL A 51 -8.89 19.74 -11.43
N THR A 52 -7.65 19.77 -11.90
CA THR A 52 -6.66 20.70 -11.36
C THR A 52 -7.11 22.15 -11.57
N ARG A 53 -7.76 22.41 -12.69
CA ARG A 53 -8.28 23.75 -12.98
C ARG A 53 -9.43 24.13 -12.05
N LEU A 54 -10.04 23.14 -11.41
CA LEU A 54 -11.25 23.39 -10.63
C LEU A 54 -11.02 23.69 -9.15
N ASN A 55 -9.81 23.44 -8.65
CA ASN A 55 -9.46 23.73 -7.26
C ASN A 55 -10.22 22.81 -6.29
N ALA A 56 -10.84 21.76 -6.84
CA ALA A 56 -11.57 20.79 -6.03
C ALA A 56 -10.74 19.55 -5.74
N PRO A 57 -10.98 18.92 -4.59
CA PRO A 57 -10.34 17.62 -4.34
C PRO A 57 -10.93 16.55 -5.25
N LEU A 58 -10.17 15.48 -5.48
CA LEU A 58 -10.64 14.39 -6.31
C LEU A 58 -10.44 13.06 -5.61
N LEU A 59 -11.53 12.28 -5.52
CA LEU A 59 -11.44 10.91 -5.07
C LEU A 59 -11.67 10.00 -6.26
N ILE A 60 -10.73 9.09 -6.47
CA ILE A 60 -10.83 8.13 -7.55
C ILE A 60 -11.16 6.76 -6.98
N ILE A 61 -12.24 6.17 -7.48
CA ILE A 61 -12.63 4.82 -7.13
C ILE A 61 -12.52 3.98 -8.39
N ALA A 62 -11.61 3.00 -8.38
CA ALA A 62 -11.33 2.19 -9.56
C ALA A 62 -11.07 0.75 -9.17
N GLU A 63 -11.02 -0.15 -10.14
CA GLU A 63 -10.67 -1.54 -9.84
C GLU A 63 -9.34 -1.56 -9.12
N ASP A 64 -8.40 -0.79 -9.65
CA ASP A 64 -7.10 -0.58 -9.02
C ASP A 64 -6.44 0.65 -9.63
N VAL A 65 -5.50 1.23 -8.90
CA VAL A 65 -4.69 2.31 -9.44
C VAL A 65 -3.24 1.97 -9.15
N SER A 66 -2.41 1.94 -10.19
CA SER A 66 -1.06 1.44 -10.04
C SER A 66 -0.11 2.02 -11.09
N GLY A 67 1.13 1.54 -11.08
CA GLY A 67 2.10 1.91 -12.10
C GLY A 67 2.31 3.40 -12.23
N GLU A 68 2.48 3.86 -13.47
CA GLU A 68 2.77 5.26 -13.71
C GLU A 68 1.60 6.18 -13.37
N ALA A 69 0.38 5.68 -13.54
CA ALA A 69 -0.80 6.46 -13.20
C ALA A 69 -0.84 6.77 -11.70
N LEU A 70 -0.58 5.77 -10.86
CA LEU A 70 -0.51 6.00 -9.42
C LEU A 70 0.62 6.97 -9.11
N ALA A 71 1.79 6.73 -9.72
CA ALA A 71 2.95 7.59 -9.52
C ALA A 71 2.65 9.04 -9.84
N THR A 72 1.88 9.26 -10.89
CA THR A 72 1.50 10.62 -11.30
C THR A 72 0.56 11.26 -10.29
N LEU A 73 -0.36 10.48 -9.74
CA LEU A 73 -1.29 10.98 -8.74
C LEU A 73 -0.56 11.39 -7.47
N VAL A 74 0.31 10.52 -6.97
CA VAL A 74 1.04 10.83 -5.72
C VAL A 74 1.92 12.07 -5.90
N VAL A 75 2.62 12.17 -7.02
CA VAL A 75 3.49 13.33 -7.25
C VAL A 75 2.69 14.63 -7.30
N ASN A 76 1.56 14.62 -8.00
CA ASN A 76 0.75 15.82 -8.10
C ASN A 76 0.19 16.24 -6.74
N LYS A 77 -0.08 15.27 -5.88
CA LYS A 77 -0.52 15.57 -4.53
C LYS A 77 0.65 16.10 -3.69
N LEU A 78 1.76 15.38 -3.67
CA LEU A 78 2.90 15.77 -2.82
C LEU A 78 3.43 17.16 -3.16
N ARG A 79 3.45 17.51 -4.45
CA ARG A 79 4.05 18.78 -4.86
C ARG A 79 3.02 19.91 -4.94
N GLY A 80 1.84 19.65 -4.39
CA GLY A 80 0.87 20.71 -4.15
C GLY A 80 0.08 21.18 -5.36
N VAL A 81 -0.13 20.28 -6.32
CA VAL A 81 -0.92 20.63 -7.50
C VAL A 81 -2.41 20.48 -7.20
N LEU A 82 -2.78 19.38 -6.55
CA LEU A 82 -4.16 19.16 -6.14
C LEU A 82 -4.27 18.10 -5.05
N ASN A 83 -5.38 18.11 -4.34
CA ASN A 83 -5.71 17.05 -3.40
C ASN A 83 -6.39 15.92 -4.17
N VAL A 84 -5.73 14.78 -4.24
CA VAL A 84 -6.28 13.63 -4.93
C VAL A 84 -5.96 12.36 -4.14
N CYS A 85 -6.90 11.43 -4.16
CA CYS A 85 -6.73 10.15 -3.48
C CYS A 85 -7.42 9.07 -4.29
N ALA A 86 -6.84 7.88 -4.30
CA ALA A 86 -7.45 6.76 -4.99
C ALA A 86 -7.72 5.63 -4.02
N ILE A 87 -8.86 4.96 -4.19
CA ILE A 87 -9.17 3.76 -3.44
C ILE A 87 -9.64 2.69 -4.41
N LYS A 88 -9.52 1.43 -4.00
CA LYS A 88 -10.03 0.33 -4.81
C LYS A 88 -11.54 0.27 -4.70
N ALA A 89 -12.21 -0.15 -5.76
CA ALA A 89 -13.64 -0.43 -5.69
C ALA A 89 -13.86 -1.61 -4.75
N PRO A 90 -14.92 -1.56 -3.95
CA PRO A 90 -15.20 -2.63 -2.98
C PRO A 90 -15.65 -3.92 -3.66
N GLY A 91 -15.37 -5.05 -3.04
CA GLY A 91 -15.86 -6.34 -3.51
C GLY A 91 -15.22 -6.83 -4.80
N PHE A 92 -15.89 -7.80 -5.42
CA PHE A 92 -15.39 -8.43 -6.63
C PHE A 92 -16.54 -8.72 -7.60
N GLY A 93 -16.23 -8.74 -8.89
CA GLY A 93 -17.16 -9.20 -9.91
C GLY A 93 -18.46 -8.44 -9.97
N GLU A 94 -19.57 -9.17 -10.04
CA GLU A 94 -20.90 -8.57 -10.15
C GLU A 94 -21.25 -7.77 -8.90
N ARG A 95 -20.74 -8.21 -7.75
CA ARG A 95 -20.99 -7.53 -6.49
C ARG A 95 -20.30 -6.17 -6.49
N ARG A 96 -19.07 -6.15 -6.99
CA ARG A 96 -18.33 -4.90 -7.13
C ARG A 96 -19.06 -3.95 -8.07
N LYS A 97 -19.58 -4.49 -9.17
CA LYS A 97 -20.34 -3.70 -10.12
C LYS A 97 -21.57 -3.07 -9.45
N SER A 98 -22.28 -3.87 -8.68
CA SER A 98 -23.49 -3.40 -8.00
C SER A 98 -23.20 -2.29 -7.00
N LEU A 99 -22.09 -2.43 -6.28
CA LEU A 99 -21.68 -1.43 -5.30
C LEU A 99 -21.26 -0.13 -5.97
N LEU A 100 -20.60 -0.23 -7.12
CA LEU A 100 -20.18 0.97 -7.85
C LEU A 100 -21.40 1.70 -8.39
N GLN A 101 -22.42 0.95 -8.78
CA GLN A 101 -23.68 1.54 -9.23
C GLN A 101 -24.29 2.34 -8.09
N ASP A 102 -24.29 1.75 -6.90
CA ASP A 102 -24.77 2.43 -5.70
C ASP A 102 -24.03 3.72 -5.44
N ILE A 103 -22.70 3.65 -5.46
CA ILE A 103 -21.86 4.80 -5.22
C ILE A 103 -22.08 5.90 -6.27
N ALA A 104 -22.25 5.50 -7.52
CA ALA A 104 -22.56 6.45 -8.59
C ALA A 104 -23.87 7.18 -8.31
N ILE A 105 -24.88 6.43 -7.87
CA ILE A 105 -26.18 7.02 -7.56
C ILE A 105 -26.10 8.01 -6.40
N VAL A 106 -25.39 7.62 -5.34
CA VAL A 106 -25.28 8.43 -4.14
C VAL A 106 -24.50 9.72 -4.39
N THR A 107 -23.48 9.64 -5.24
CA THR A 107 -22.63 10.81 -5.51
C THR A 107 -23.06 11.57 -6.76
N GLY A 108 -23.98 11.01 -7.54
CA GLY A 108 -24.39 11.64 -8.78
C GLY A 108 -23.32 11.55 -9.85
N ALA A 109 -22.48 10.54 -9.74
CA ALA A 109 -21.43 10.28 -10.72
C ALA A 109 -21.94 9.42 -11.86
N GLU A 110 -21.28 9.50 -13.01
CA GLU A 110 -21.46 8.49 -14.04
C GLU A 110 -20.55 7.31 -13.73
N PHE A 111 -21.12 6.12 -13.68
CA PHE A 111 -20.32 4.90 -13.53
C PHE A 111 -19.63 4.64 -14.86
N ILE A 112 -18.33 4.92 -14.88
CA ILE A 112 -17.51 4.65 -16.04
C ILE A 112 -17.25 3.16 -16.09
N ALA A 113 -18.23 2.43 -16.61
CA ALA A 113 -18.28 0.97 -16.56
C ALA A 113 -17.68 0.33 -17.80
N LYS A 114 -16.80 -0.64 -17.60
CA LYS A 114 -16.16 -1.34 -18.70
C LYS A 114 -17.20 -2.07 -19.58
N ASP A 115 -18.24 -2.61 -18.96
CA ASP A 115 -19.25 -3.37 -19.70
C ASP A 115 -20.08 -2.51 -20.63
N LEU A 116 -20.10 -1.20 -20.37
CA LEU A 116 -20.87 -0.29 -21.21
C LEU A 116 -19.96 0.44 -22.20
N GLY A 117 -18.68 0.08 -22.21
CA GLY A 117 -17.72 0.65 -23.14
C GLY A 117 -17.22 2.03 -22.76
N MET A 118 -17.50 2.46 -21.54
CA MET A 118 -17.03 3.77 -21.07
C MET A 118 -15.54 3.68 -20.69
N LYS A 119 -14.73 4.64 -21.14
CA LYS A 119 -13.29 4.62 -20.87
C LYS A 119 -12.90 5.78 -19.98
N VAL A 120 -11.95 5.54 -19.07
CA VAL A 120 -11.47 6.60 -18.17
C VAL A 120 -10.79 7.74 -18.93
N GLU A 121 -10.12 7.40 -20.03
CA GLU A 121 -9.35 8.38 -20.78
C GLU A 121 -10.23 9.51 -21.32
N GLN A 122 -11.48 9.24 -21.60
CA GLN A 122 -12.36 10.27 -22.14
C GLN A 122 -13.28 10.85 -21.09
N ALA A 123 -12.99 10.56 -19.83
CA ALA A 123 -13.77 11.12 -18.73
C ALA A 123 -13.67 12.64 -18.71
N VAL A 124 -14.78 13.30 -18.41
CA VAL A 124 -14.81 14.75 -18.25
C VAL A 124 -15.45 15.08 -16.90
N VAL A 125 -15.22 16.31 -16.44
CA VAL A 125 -15.68 16.71 -15.12
C VAL A 125 -17.19 16.52 -14.93
N GLU A 126 -17.94 16.69 -16.02
CA GLU A 126 -19.39 16.47 -15.97
C GLU A 126 -19.76 15.08 -15.47
N GLN A 127 -18.91 14.10 -15.71
CA GLN A 127 -19.18 12.72 -15.33
C GLN A 127 -18.79 12.39 -13.90
N LEU A 128 -18.17 13.34 -13.22
CA LEU A 128 -17.75 13.14 -11.84
C LEU A 128 -18.91 13.41 -10.90
N GLY A 129 -18.96 12.65 -9.81
CA GLY A 129 -19.95 12.88 -8.77
C GLY A 129 -19.38 13.86 -7.77
N VAL A 130 -20.12 14.12 -6.71
CA VAL A 130 -19.62 15.00 -5.66
C VAL A 130 -20.02 14.46 -4.30
N ALA A 131 -19.09 14.55 -3.35
CA ALA A 131 -19.37 14.17 -1.98
C ALA A 131 -19.11 15.36 -1.07
N ARG A 132 -20.03 15.60 -0.15
CA ARG A 132 -19.90 16.73 0.77
C ARG A 132 -18.67 16.57 1.66
N LYS A 133 -18.52 15.37 2.21
CA LYS A 133 -17.40 15.05 3.08
C LYS A 133 -16.79 13.73 2.69
N VAL A 134 -15.47 13.68 2.61
CA VAL A 134 -14.77 12.43 2.33
C VAL A 134 -13.69 12.20 3.38
N THR A 135 -13.72 11.02 4.01
CA THR A 135 -12.67 10.61 4.91
C THR A 135 -12.13 9.25 4.48
N VAL A 136 -10.84 9.22 4.13
CA VAL A 136 -10.21 7.97 3.75
C VAL A 136 -9.17 7.56 4.79
N ALA A 137 -9.35 6.38 5.36
CA ALA A 137 -8.37 5.81 6.29
C ALA A 137 -7.58 4.72 5.59
N ASN A 138 -6.77 3.98 6.33
CA ASN A 138 -5.96 2.93 5.74
C ASN A 138 -6.81 1.76 5.23
N ASN A 139 -7.96 1.54 5.85
CA ASN A 139 -8.77 0.37 5.50
C ASN A 139 -10.22 0.66 5.16
N THR A 140 -10.70 1.87 5.46
CA THR A 140 -12.07 2.25 5.13
C THR A 140 -12.18 3.66 4.57
N THR A 141 -13.29 3.91 3.88
CA THR A 141 -13.63 5.23 3.36
C THR A 141 -15.06 5.57 3.75
N THR A 142 -15.28 6.81 4.20
CA THR A 142 -16.62 7.27 4.54
C THR A 142 -17.01 8.45 3.67
N LEU A 143 -18.10 8.30 2.92
CA LEU A 143 -18.60 9.37 2.08
C LEU A 143 -19.88 9.97 2.65
N ILE A 144 -19.90 11.30 2.76
CA ILE A 144 -21.14 12.01 3.05
C ILE A 144 -21.55 12.76 1.79
N ALA A 145 -22.74 12.46 1.27
CA ALA A 145 -23.16 13.02 0.00
C ALA A 145 -24.59 13.55 0.05
N ASP A 146 -24.84 14.62 -0.70
CA ASP A 146 -26.19 15.17 -0.78
C ASP A 146 -26.61 15.40 -2.23
N ALA A 147 -25.83 14.87 -3.17
CA ALA A 147 -26.06 15.08 -4.59
C ALA A 147 -27.04 14.09 -5.20
N ALA A 148 -27.39 13.05 -4.43
CA ALA A 148 -28.24 11.99 -4.95
C ALA A 148 -29.65 12.47 -5.28
N SER A 149 -30.13 12.08 -6.46
CA SER A 149 -31.54 12.20 -6.78
C SER A 149 -32.33 11.24 -5.91
N LYS A 150 -33.31 11.76 -5.17
CA LYS A 150 -34.11 10.89 -4.30
C LYS A 150 -34.97 9.92 -5.11
N ASP A 151 -35.36 10.30 -6.32
CA ASP A 151 -36.08 9.36 -7.19
C ASP A 151 -35.16 8.20 -7.59
N GLU A 152 -33.89 8.49 -7.86
CA GLU A 152 -32.93 7.45 -8.19
C GLU A 152 -32.71 6.53 -6.99
N ILE A 153 -32.62 7.13 -5.80
CA ILE A 153 -32.47 6.35 -4.58
C ILE A 153 -33.65 5.41 -4.38
N GLU A 154 -34.86 5.93 -4.56
CA GLU A 154 -36.05 5.12 -4.36
C GLU A 154 -36.17 4.03 -5.43
N MET A 155 -35.79 4.38 -6.66
CA MET A 155 -35.74 3.41 -7.75
C MET A 155 -34.78 2.26 -7.41
N ARG A 156 -33.60 2.63 -6.92
CA ARG A 156 -32.57 1.65 -6.61
C ARG A 156 -32.99 0.75 -5.44
N ILE A 157 -33.61 1.35 -4.43
CA ILE A 157 -34.10 0.62 -3.29
C ILE A 157 -35.18 -0.39 -3.71
N ALA A 158 -36.05 0.03 -4.62
CA ALA A 158 -37.07 -0.87 -5.17
C ALA A 158 -36.43 -2.05 -5.90
N GLN A 159 -35.35 -1.78 -6.62
CA GLN A 159 -34.61 -2.83 -7.31
C GLN A 159 -34.02 -3.82 -6.30
N LEU A 160 -33.34 -3.29 -5.29
CA LEU A 160 -32.69 -4.10 -4.28
C LEU A 160 -33.70 -4.81 -3.38
N LYS A 161 -34.88 -4.23 -3.23
CA LYS A 161 -35.95 -4.81 -2.43
C LYS A 161 -36.35 -6.19 -2.95
N LYS A 162 -36.46 -6.31 -4.27
CA LYS A 162 -36.85 -7.57 -4.88
C LYS A 162 -35.78 -8.62 -4.64
N GLU A 163 -34.52 -8.23 -4.81
CA GLU A 163 -33.39 -9.13 -4.58
C GLU A 163 -33.35 -9.62 -3.14
N LEU A 164 -33.60 -8.71 -2.21
CA LEU A 164 -33.54 -9.06 -0.79
C LEU A 164 -34.69 -9.99 -0.40
N ALA A 165 -35.88 -9.72 -0.94
CA ALA A 165 -37.02 -10.58 -0.66
C ALA A 165 -36.80 -11.99 -1.20
N GLU A 166 -36.06 -12.09 -2.30
CA GLU A 166 -35.87 -13.36 -3.00
C GLU A 166 -34.67 -14.17 -2.52
N THR A 167 -33.65 -13.50 -1.98
CA THR A 167 -32.40 -14.18 -1.65
C THR A 167 -32.57 -15.16 -0.50
N ASP A 168 -31.80 -16.24 -0.54
CA ASP A 168 -31.89 -17.28 0.47
C ASP A 168 -30.56 -17.55 1.15
N SER A 169 -29.61 -16.63 1.01
CA SER A 169 -28.34 -16.79 1.70
C SER A 169 -28.18 -15.71 2.76
N VAL A 170 -27.63 -16.11 3.90
CA VAL A 170 -27.38 -15.18 5.00
C VAL A 170 -26.48 -14.04 4.53
N TYR A 171 -25.45 -14.40 3.77
CA TYR A 171 -24.49 -13.40 3.30
C TYR A 171 -25.13 -12.32 2.44
N ASP A 172 -25.92 -12.73 1.46
CA ASP A 172 -26.56 -11.76 0.56
C ASP A 172 -27.67 -11.01 1.28
N THR A 173 -28.33 -11.67 2.23
CA THR A 173 -29.34 -11.01 3.05
C THR A 173 -28.71 -9.85 3.81
N GLU A 174 -27.55 -10.10 4.39
CA GLU A 174 -26.83 -9.11 5.17
C GLU A 174 -26.37 -7.95 4.28
N LYS A 175 -25.79 -8.27 3.13
CA LYS A 175 -25.24 -7.25 2.25
C LYS A 175 -26.31 -6.41 1.55
N LEU A 176 -27.41 -7.03 1.18
CA LEU A 176 -28.47 -6.28 0.49
C LEU A 176 -29.22 -5.37 1.44
N SER A 177 -29.50 -5.87 2.64
CA SER A 177 -30.22 -5.08 3.63
C SER A 177 -29.38 -3.89 4.07
N GLU A 178 -28.06 -4.07 4.14
CA GLU A 178 -27.18 -2.98 4.52
C GLU A 178 -26.99 -1.99 3.35
N ARG A 179 -27.06 -2.48 2.12
CA ARG A 179 -26.97 -1.59 0.96
C ARG A 179 -28.19 -0.67 0.91
N ILE A 180 -29.36 -1.22 1.22
CA ILE A 180 -30.59 -0.44 1.27
C ILE A 180 -30.49 0.61 2.38
N ALA A 181 -29.75 0.29 3.44
CA ALA A 181 -29.53 1.23 4.53
C ALA A 181 -28.58 2.36 4.11
N LYS A 182 -27.51 2.02 3.41
CA LYS A 182 -26.56 3.00 2.90
C LYS A 182 -27.21 3.97 1.91
N LEU A 183 -28.20 3.46 1.17
CA LEU A 183 -28.90 4.29 0.21
C LEU A 183 -29.96 5.15 0.90
N SER A 184 -30.62 4.57 1.90
CA SER A 184 -31.64 5.29 2.66
C SER A 184 -31.02 6.42 3.48
N GLY B 3 25.99 -7.23 -4.04
CA GLY B 3 24.79 -7.94 -3.64
C GLY B 3 23.52 -7.16 -3.97
N MET B 4 22.53 -7.25 -3.09
CA MET B 4 21.27 -6.53 -3.27
C MET B 4 21.29 -5.19 -2.55
N GLU B 5 21.07 -4.11 -3.29
CA GLU B 5 21.09 -2.78 -2.70
C GLU B 5 19.68 -2.28 -2.37
N ILE B 6 19.52 -1.79 -1.14
CA ILE B 6 18.28 -1.15 -0.71
C ILE B 6 18.53 0.33 -0.51
N ASP B 7 17.66 1.16 -1.06
CA ASP B 7 17.89 2.60 -1.08
C ASP B 7 17.46 3.31 0.20
N ARG B 8 17.70 2.67 1.35
CA ARG B 8 17.49 3.29 2.65
C ARG B 8 18.66 2.90 3.56
N GLY B 9 19.05 3.82 4.45
CA GLY B 9 20.17 3.59 5.34
C GLY B 9 19.75 3.49 6.80
N TYR B 10 20.72 3.56 7.72
CA TYR B 10 20.40 3.37 9.13
C TYR B 10 19.50 4.48 9.67
N ILE B 11 18.53 4.09 10.48
CA ILE B 11 17.58 5.02 11.09
C ILE B 11 18.30 5.90 12.11
N SER B 12 19.32 5.34 12.75
CA SER B 12 20.17 6.10 13.67
C SER B 12 21.64 5.87 13.38
N PRO B 13 22.43 6.96 13.35
CA PRO B 13 23.87 6.83 13.13
C PRO B 13 24.57 6.12 14.29
N GLN B 14 23.86 5.95 15.40
CA GLN B 14 24.39 5.26 16.56
C GLN B 14 24.66 3.78 16.28
N PHE B 15 24.04 3.25 15.22
CA PHE B 15 24.21 1.83 14.88
C PHE B 15 25.56 1.54 14.25
N VAL B 16 26.26 2.59 13.81
CA VAL B 16 27.52 2.45 13.09
C VAL B 16 28.58 1.65 13.87
N THR B 17 29.21 0.70 13.19
CA THR B 17 30.26 -0.13 13.78
C THR B 17 31.63 0.27 13.24
N ASN B 18 31.68 0.62 11.97
CA ASN B 18 32.90 1.12 11.35
C ASN B 18 32.90 2.65 11.41
N GLN B 19 33.64 3.21 12.37
CA GLN B 19 33.59 4.64 12.62
C GLN B 19 34.37 5.44 11.58
N GLU B 20 35.32 4.79 10.92
CA GLU B 20 36.08 5.44 9.85
C GLU B 20 35.19 5.70 8.64
N ARG B 21 34.44 4.68 8.23
CA ARG B 21 33.65 4.75 7.00
C ARG B 21 32.18 5.07 7.27
N LEU B 22 31.82 5.17 8.55
CA LEU B 22 30.45 5.40 8.97
C LEU B 22 29.52 4.31 8.42
N LEU B 23 29.95 3.07 8.58
CA LEU B 23 29.18 1.93 8.10
C LEU B 23 28.80 0.99 9.23
N VAL B 24 27.67 0.32 9.06
CA VAL B 24 27.34 -0.84 9.86
C VAL B 24 27.78 -2.06 9.07
N GLU B 25 28.58 -2.92 9.69
CA GLU B 25 29.09 -4.09 8.99
C GLU B 25 28.82 -5.38 9.74
N TYR B 26 28.00 -6.24 9.12
CA TYR B 26 27.66 -7.53 9.70
C TYR B 26 28.10 -8.67 8.80
N ASP B 27 28.44 -9.78 9.43
CA ASP B 27 28.51 -11.06 8.73
C ASP B 27 27.43 -11.96 9.31
N ASN B 28 26.88 -12.87 8.48
CA ASN B 28 26.09 -13.96 9.07
C ASN B 28 24.93 -13.42 9.89
N CYS B 29 24.29 -12.38 9.36
CA CYS B 29 23.29 -11.56 10.05
C CYS B 29 21.88 -12.10 9.84
N ARG B 30 21.06 -12.08 10.89
CA ARG B 30 19.67 -12.45 10.76
C ARG B 30 18.84 -11.23 10.36
N VAL B 31 17.78 -11.44 9.59
CA VAL B 31 17.02 -10.31 9.04
C VAL B 31 15.54 -10.39 9.37
N LEU B 32 15.02 -9.34 9.99
CA LEU B 32 13.59 -9.20 10.24
C LEU B 32 12.99 -8.36 9.11
N VAL B 33 11.99 -8.91 8.42
CA VAL B 33 11.35 -8.20 7.33
C VAL B 33 9.87 -7.97 7.61
N THR B 34 9.46 -6.72 7.68
CA THR B 34 8.06 -6.40 7.97
C THR B 34 7.64 -5.07 7.38
N ASP B 35 6.33 -4.90 7.16
CA ASP B 35 5.80 -3.60 6.75
C ASP B 35 5.03 -2.96 7.89
N GLN B 36 5.19 -3.51 9.09
CA GLN B 36 4.61 -2.92 10.30
C GLN B 36 5.48 -1.80 10.84
N LYS B 37 4.85 -0.84 11.52
CA LYS B 37 5.57 0.15 12.30
C LYS B 37 5.98 -0.48 13.63
N ILE B 38 7.20 -0.21 14.07
CA ILE B 38 7.68 -0.72 15.35
C ILE B 38 8.04 0.44 16.26
N ASP B 39 7.18 0.72 17.23
CA ASP B 39 7.38 1.85 18.13
C ASP B 39 7.27 1.45 19.59
N ALA B 40 6.34 0.55 19.88
CA ALA B 40 6.19 0.04 21.25
C ALA B 40 7.28 -0.98 21.54
N ILE B 41 7.84 -0.92 22.74
CA ILE B 41 8.94 -1.81 23.11
C ILE B 41 8.51 -3.27 23.15
N ARG B 42 7.26 -3.52 23.56
CA ARG B 42 6.77 -4.88 23.70
C ARG B 42 6.64 -5.60 22.36
N ASP B 43 6.60 -4.83 21.28
CA ASP B 43 6.53 -5.40 19.94
C ASP B 43 7.84 -6.11 19.58
N ILE B 44 8.95 -5.53 20.02
CA ILE B 44 10.26 -5.97 19.57
C ILE B 44 11.01 -6.82 20.59
N ILE B 45 10.60 -6.74 21.86
CA ILE B 45 11.24 -7.52 22.93
C ILE B 45 11.35 -9.03 22.66
N PRO B 46 10.25 -9.69 22.23
CA PRO B 46 10.36 -11.15 22.06
C PRO B 46 11.42 -11.60 21.05
N ILE B 47 11.54 -10.89 19.92
CA ILE B 47 12.51 -11.30 18.91
C ILE B 47 13.93 -10.94 19.33
N LEU B 48 14.07 -9.88 20.13
CA LEU B 48 15.39 -9.49 20.63
C LEU B 48 15.93 -10.54 21.59
N GLU B 49 15.05 -11.09 22.42
CA GLU B 49 15.43 -12.16 23.35
C GLU B 49 16.00 -13.36 22.60
N GLN B 50 15.33 -13.75 21.53
CA GLN B 50 15.70 -14.94 20.78
C GLN B 50 17.03 -14.76 20.04
N VAL B 51 17.22 -13.59 19.42
CA VAL B 51 18.43 -13.31 18.66
C VAL B 51 19.66 -13.23 19.58
N THR B 52 19.48 -12.60 20.73
CA THR B 52 20.57 -12.46 21.70
C THR B 52 21.10 -13.83 22.13
N ARG B 53 20.20 -14.79 22.27
CA ARG B 53 20.57 -16.15 22.63
C ARG B 53 21.38 -16.83 21.53
N LEU B 54 21.19 -16.38 20.29
CA LEU B 54 21.80 -17.04 19.14
C LEU B 54 23.15 -16.46 18.75
N ASN B 55 23.56 -15.39 19.42
CA ASN B 55 24.85 -14.76 19.17
C ASN B 55 25.06 -14.34 17.72
N ALA B 56 24.07 -13.65 17.16
CA ALA B 56 24.14 -13.19 15.77
C ALA B 56 23.67 -11.74 15.66
N PRO B 57 24.24 -10.99 14.70
CA PRO B 57 23.75 -9.63 14.48
C PRO B 57 22.35 -9.62 13.87
N LEU B 58 21.63 -8.52 14.01
CA LEU B 58 20.27 -8.44 13.51
C LEU B 58 20.05 -7.18 12.69
N LEU B 59 19.48 -7.35 11.50
CA LEU B 59 19.01 -6.21 10.72
C LEU B 59 17.50 -6.22 10.73
N ILE B 60 16.91 -5.08 11.10
CA ILE B 60 15.47 -4.93 11.08
C ILE B 60 15.05 -4.02 9.94
N ILE B 61 14.19 -4.53 9.08
CA ILE B 61 13.62 -3.75 7.99
C ILE B 61 12.14 -3.61 8.25
N ALA B 62 11.70 -2.37 8.46
CA ALA B 62 10.32 -2.13 8.88
C ALA B 62 9.79 -0.86 8.23
N GLU B 63 8.48 -0.65 8.34
CA GLU B 63 7.89 0.60 7.86
C GLU B 63 8.60 1.76 8.53
N ASP B 64 8.80 1.61 9.83
CA ASP B 64 9.56 2.57 10.61
C ASP B 64 9.87 1.94 11.95
N VAL B 65 10.96 2.39 12.56
CA VAL B 65 11.28 2.02 13.93
C VAL B 65 11.48 3.32 14.71
N SER B 66 10.73 3.50 15.78
CA SER B 66 10.67 4.78 16.46
C SER B 66 10.44 4.63 17.96
N GLY B 67 10.37 5.77 18.65
CA GLY B 67 10.04 5.79 20.07
C GLY B 67 10.88 4.88 20.93
N GLU B 68 10.23 4.17 21.85
CA GLU B 68 10.91 3.33 22.81
C GLU B 68 11.51 2.08 22.17
N ALA B 69 10.93 1.65 21.06
CA ALA B 69 11.46 0.49 20.35
C ALA B 69 12.82 0.83 19.75
N LEU B 70 12.90 1.97 19.07
CA LEU B 70 14.15 2.42 18.48
C LEU B 70 15.19 2.67 19.56
N ALA B 71 14.74 3.28 20.66
CA ALA B 71 15.62 3.59 21.77
C ALA B 71 16.24 2.32 22.35
N THR B 72 15.45 1.25 22.45
CA THR B 72 15.92 -0.02 23.00
C THR B 72 16.93 -0.68 22.07
N LEU B 73 16.72 -0.53 20.76
CA LEU B 73 17.67 -1.06 19.78
C LEU B 73 19.01 -0.33 19.91
N VAL B 74 18.95 0.99 19.98
CA VAL B 74 20.16 1.79 20.09
C VAL B 74 20.93 1.43 21.37
N VAL B 75 20.21 1.33 22.49
CA VAL B 75 20.81 1.02 23.77
C VAL B 75 21.49 -0.36 23.77
N ASN B 76 20.81 -1.36 23.22
CA ASN B 76 21.39 -2.71 23.17
C ASN B 76 22.65 -2.75 22.33
N LYS B 77 22.72 -1.92 21.30
CA LYS B 77 23.93 -1.83 20.48
C LYS B 77 25.04 -1.11 21.25
N LEU B 78 24.71 0.08 21.77
CA LEU B 78 25.72 0.89 22.47
C LEU B 78 26.33 0.20 23.67
N ARG B 79 25.51 -0.56 24.40
CA ARG B 79 26.00 -1.20 25.62
C ARG B 79 26.57 -2.59 25.36
N GLY B 80 26.67 -2.95 24.07
CA GLY B 80 27.37 -4.16 23.67
C GLY B 80 26.62 -5.45 23.95
N VAL B 81 25.30 -5.36 23.99
CA VAL B 81 24.47 -6.54 24.24
C VAL B 81 24.15 -7.26 22.94
N LEU B 82 23.91 -6.49 21.89
CA LEU B 82 23.52 -7.06 20.60
C LEU B 82 23.86 -6.11 19.47
N ASN B 83 24.50 -6.63 18.42
CA ASN B 83 24.70 -5.86 17.21
C ASN B 83 23.39 -5.85 16.44
N VAL B 84 22.72 -4.70 16.42
CA VAL B 84 21.42 -4.58 15.77
C VAL B 84 21.31 -3.24 15.06
N CYS B 85 20.67 -3.24 13.90
CA CYS B 85 20.47 -2.03 13.12
C CYS B 85 19.08 -2.05 12.53
N ALA B 86 18.49 -0.87 12.36
CA ALA B 86 17.17 -0.77 11.74
C ALA B 86 17.20 0.18 10.55
N ILE B 87 16.47 -0.19 9.50
CA ILE B 87 16.27 0.69 8.35
C ILE B 87 14.79 0.71 7.99
N LYS B 88 14.36 1.79 7.33
CA LYS B 88 12.99 1.86 6.85
C LYS B 88 12.84 1.09 5.55
N ALA B 89 11.67 0.46 5.38
CA ALA B 89 11.35 -0.22 4.13
C ALA B 89 11.25 0.79 2.99
N PRO B 90 11.77 0.43 1.81
CA PRO B 90 11.72 1.33 0.65
C PRO B 90 10.30 1.46 0.08
N GLY B 91 9.96 2.66 -0.37
CA GLY B 91 8.71 2.88 -1.07
C GLY B 91 7.48 2.93 -0.19
N PHE B 92 6.32 2.93 -0.83
CA PHE B 92 5.03 3.00 -0.14
C PHE B 92 4.01 2.12 -0.87
N GLY B 93 2.92 1.79 -0.18
CA GLY B 93 1.82 1.06 -0.79
C GLY B 93 2.23 -0.30 -1.33
N GLU B 94 1.65 -0.67 -2.47
CA GLU B 94 1.94 -1.96 -3.07
C GLU B 94 3.39 -2.08 -3.51
N ARG B 95 4.01 -0.95 -3.85
CA ARG B 95 5.41 -0.96 -4.25
C ARG B 95 6.29 -1.40 -3.08
N ARG B 96 6.04 -0.85 -1.90
CA ARG B 96 6.77 -1.24 -0.70
C ARG B 96 6.58 -2.74 -0.44
N LYS B 97 5.35 -3.22 -0.63
CA LYS B 97 5.05 -4.61 -0.40
C LYS B 97 5.82 -5.51 -1.36
N SER B 98 5.87 -5.13 -2.64
CA SER B 98 6.63 -5.89 -3.63
C SER B 98 8.11 -5.95 -3.29
N LEU B 99 8.68 -4.80 -2.90
CA LEU B 99 10.10 -4.76 -2.57
C LEU B 99 10.43 -5.57 -1.32
N LEU B 100 9.53 -5.56 -0.34
CA LEU B 100 9.74 -6.33 0.88
C LEU B 100 9.65 -7.82 0.60
N GLN B 101 8.75 -8.21 -0.30
CA GLN B 101 8.70 -9.58 -0.77
C GLN B 101 10.02 -9.99 -1.43
N ASP B 102 10.57 -9.10 -2.26
CA ASP B 102 11.86 -9.37 -2.92
C ASP B 102 12.96 -9.57 -1.88
N ILE B 103 12.98 -8.72 -0.87
CA ILE B 103 13.98 -8.82 0.19
C ILE B 103 13.81 -10.10 1.01
N ALA B 104 12.56 -10.47 1.30
CA ALA B 104 12.29 -11.70 2.03
C ALA B 104 12.75 -12.92 1.23
N ILE B 105 12.59 -12.86 -0.09
CA ILE B 105 13.03 -13.95 -0.95
C ILE B 105 14.55 -14.08 -0.95
N VAL B 106 15.25 -12.96 -1.06
CA VAL B 106 16.70 -12.97 -1.08
C VAL B 106 17.27 -13.48 0.24
N THR B 107 16.64 -13.10 1.35
CA THR B 107 17.16 -13.45 2.67
C THR B 107 16.57 -14.74 3.25
N GLY B 108 15.53 -15.26 2.62
CA GLY B 108 14.85 -16.43 3.14
C GLY B 108 14.10 -16.08 4.40
N ALA B 109 13.65 -14.83 4.49
CA ALA B 109 12.87 -14.37 5.64
C ALA B 109 11.38 -14.59 5.41
N GLU B 110 10.65 -14.75 6.50
CA GLU B 110 9.19 -14.70 6.41
C GLU B 110 8.75 -13.26 6.54
N PHE B 111 8.16 -12.74 5.47
CA PHE B 111 7.65 -11.38 5.44
C PHE B 111 6.52 -11.27 6.45
N ILE B 112 6.77 -10.54 7.52
CA ILE B 112 5.76 -10.25 8.53
C ILE B 112 4.86 -9.16 7.97
N ALA B 113 3.84 -9.60 7.24
CA ALA B 113 3.01 -8.73 6.42
C ALA B 113 1.74 -8.30 7.15
N LYS B 114 1.54 -6.98 7.27
CA LYS B 114 0.42 -6.46 8.04
C LYS B 114 -0.91 -6.73 7.34
N ASP B 115 -0.89 -6.80 6.01
CA ASP B 115 -2.11 -7.08 5.25
C ASP B 115 -2.50 -8.55 5.36
N LEU B 116 -1.58 -9.36 5.87
CA LEU B 116 -1.89 -10.77 6.12
C LEU B 116 -2.12 -10.98 7.62
N GLY B 117 -2.31 -9.88 8.33
CA GLY B 117 -2.64 -9.93 9.75
C GLY B 117 -1.51 -10.35 10.67
N MET B 118 -0.27 -10.20 10.20
CA MET B 118 0.88 -10.64 10.99
C MET B 118 1.43 -9.52 11.87
N LYS B 119 1.81 -9.88 13.09
CA LYS B 119 2.32 -8.92 14.06
C LYS B 119 3.75 -9.26 14.45
N VAL B 120 4.58 -8.23 14.63
CA VAL B 120 5.98 -8.43 14.98
C VAL B 120 6.11 -9.06 16.37
N GLU B 121 5.18 -8.73 17.26
CA GLU B 121 5.22 -9.23 18.63
C GLU B 121 5.20 -10.76 18.70
N GLN B 122 4.51 -11.38 17.75
CA GLN B 122 4.36 -12.83 17.73
C GLN B 122 5.41 -13.51 16.85
N ALA B 123 6.33 -12.73 16.32
CA ALA B 123 7.38 -13.28 15.45
C ALA B 123 8.30 -14.22 16.20
N VAL B 124 8.66 -15.33 15.56
CA VAL B 124 9.61 -16.27 16.14
C VAL B 124 10.90 -16.27 15.33
N VAL B 125 11.97 -16.78 15.95
CA VAL B 125 13.31 -16.69 15.36
C VAL B 125 13.42 -17.41 14.02
N GLU B 126 12.58 -18.44 13.81
CA GLU B 126 12.58 -19.20 12.56
C GLU B 126 12.16 -18.32 11.39
N GLN B 127 11.44 -17.25 11.68
CA GLN B 127 10.93 -16.36 10.64
C GLN B 127 11.95 -15.32 10.19
N LEU B 128 13.09 -15.26 10.88
CA LEU B 128 14.14 -14.34 10.47
C LEU B 128 14.90 -14.89 9.27
N GLY B 129 15.26 -14.01 8.35
CA GLY B 129 16.07 -14.39 7.22
C GLY B 129 17.52 -14.39 7.60
N VAL B 130 18.39 -14.63 6.62
CA VAL B 130 19.82 -14.63 6.86
C VAL B 130 20.53 -13.97 5.68
N ALA B 131 21.53 -13.16 5.99
CA ALA B 131 22.40 -12.61 4.97
C ALA B 131 23.84 -12.95 5.32
N ARG B 132 24.61 -13.40 4.33
CA ARG B 132 26.01 -13.73 4.52
C ARG B 132 26.78 -12.50 4.97
N LYS B 133 26.41 -11.35 4.40
CA LYS B 133 27.03 -10.08 4.74
C LYS B 133 26.01 -8.94 4.63
N VAL B 134 26.08 -8.01 5.58
CA VAL B 134 25.24 -6.82 5.54
C VAL B 134 26.09 -5.57 5.71
N THR B 135 25.90 -4.59 4.84
CA THR B 135 26.56 -3.30 4.95
C THR B 135 25.54 -2.17 4.91
N VAL B 136 25.43 -1.42 6.00
CA VAL B 136 24.47 -0.33 6.08
C VAL B 136 25.16 1.04 6.12
N ALA B 137 24.93 1.85 5.09
CA ALA B 137 25.45 3.21 5.03
C ALA B 137 24.38 4.20 5.46
N ASN B 138 24.65 5.50 5.30
CA ASN B 138 23.69 6.50 5.76
C ASN B 138 22.45 6.57 4.87
N ASN B 139 22.62 6.23 3.59
CA ASN B 139 21.49 6.27 2.65
C ASN B 139 21.26 4.95 1.93
N THR B 140 22.10 3.96 2.17
CA THR B 140 22.08 2.73 1.39
C THR B 140 22.38 1.50 2.24
N THR B 141 21.66 0.40 1.96
CA THR B 141 21.93 -0.89 2.58
C THR B 141 22.20 -1.93 1.49
N THR B 142 23.23 -2.75 1.69
CA THR B 142 23.58 -3.79 0.73
C THR B 142 23.61 -5.17 1.38
N LEU B 143 22.83 -6.09 0.83
CA LEU B 143 22.74 -7.44 1.38
C LEU B 143 23.39 -8.48 0.47
N ILE B 144 24.15 -9.39 1.06
CA ILE B 144 24.67 -10.54 0.34
C ILE B 144 24.01 -11.80 0.86
N ALA B 145 23.28 -12.49 -0.01
CA ALA B 145 22.44 -13.61 0.40
C ALA B 145 23.21 -14.90 0.64
N ASP B 146 22.65 -15.75 1.49
CA ASP B 146 23.09 -17.13 1.62
C ASP B 146 22.71 -17.86 0.33
N ALA B 147 23.42 -18.94 0.02
CA ALA B 147 23.19 -19.66 -1.23
C ALA B 147 21.85 -20.38 -1.26
N ALA B 148 21.26 -20.58 -0.09
CA ALA B 148 20.04 -21.39 0.03
C ALA B 148 18.83 -20.80 -0.69
N SER B 149 18.84 -19.48 -0.89
CA SER B 149 17.68 -18.81 -1.48
C SER B 149 17.78 -18.68 -2.99
N LYS B 150 18.80 -19.32 -3.57
CA LYS B 150 19.08 -19.18 -4.99
C LYS B 150 17.89 -19.59 -5.87
N ASP B 151 17.27 -20.71 -5.55
CA ASP B 151 16.14 -21.21 -6.35
C ASP B 151 14.92 -20.30 -6.30
N GLU B 152 14.61 -19.76 -5.13
CA GLU B 152 13.46 -18.88 -4.99
C GLU B 152 13.69 -17.55 -5.72
N ILE B 153 14.92 -17.07 -5.67
CA ILE B 153 15.30 -15.86 -6.39
C ILE B 153 15.07 -16.05 -7.89
N GLU B 154 15.48 -17.20 -8.41
CA GLU B 154 15.30 -17.50 -9.82
C GLU B 154 13.83 -17.55 -10.21
N MET B 155 13.00 -18.11 -9.33
CA MET B 155 11.57 -18.20 -9.57
C MET B 155 10.93 -16.81 -9.54
N ARG B 156 11.39 -15.97 -8.63
CA ARG B 156 10.90 -14.60 -8.54
C ARG B 156 11.27 -13.81 -9.80
N ILE B 157 12.50 -14.00 -10.26
CA ILE B 157 12.96 -13.34 -11.48
C ILE B 157 12.12 -13.78 -12.69
N ALA B 158 11.82 -15.08 -12.77
CA ALA B 158 10.99 -15.58 -13.86
C ALA B 158 9.60 -14.94 -13.84
N GLN B 159 9.06 -14.73 -12.64
CA GLN B 159 7.78 -14.09 -12.48
C GLN B 159 7.81 -12.65 -12.99
N LEU B 160 8.86 -11.93 -12.63
CA LEU B 160 8.99 -10.53 -13.04
C LEU B 160 9.22 -10.43 -14.55
N LYS B 161 9.92 -11.41 -15.11
CA LYS B 161 10.15 -11.43 -16.55
C LYS B 161 8.84 -11.64 -17.31
N LYS B 162 7.95 -12.45 -16.72
CA LYS B 162 6.63 -12.65 -17.30
C LYS B 162 5.86 -11.33 -17.32
N GLU B 163 5.90 -10.62 -16.19
CA GLU B 163 5.22 -9.33 -16.09
C GLU B 163 5.83 -8.32 -17.06
N LEU B 164 7.15 -8.40 -17.22
CA LEU B 164 7.89 -7.52 -18.10
C LEU B 164 7.45 -7.71 -19.55
N ALA B 165 7.22 -8.96 -19.94
CA ALA B 165 6.80 -9.27 -21.30
C ALA B 165 5.40 -8.74 -21.60
N GLU B 166 4.57 -8.63 -20.56
CA GLU B 166 3.17 -8.26 -20.75
C GLU B 166 2.91 -6.77 -20.62
N THR B 167 3.96 -5.99 -20.39
CA THR B 167 3.80 -4.54 -20.32
C THR B 167 4.47 -3.84 -21.51
N ASP B 168 3.91 -2.71 -21.91
CA ASP B 168 4.50 -1.90 -22.97
C ASP B 168 4.97 -0.56 -22.38
N SER B 169 4.78 -0.42 -21.08
CA SER B 169 5.12 0.81 -20.38
C SER B 169 6.62 0.91 -20.11
N VAL B 170 7.22 2.02 -20.52
CA VAL B 170 8.62 2.28 -20.23
C VAL B 170 8.82 2.41 -18.72
N TYR B 171 7.87 3.04 -18.05
CA TYR B 171 7.90 3.18 -16.60
C TYR B 171 7.95 1.81 -15.92
N ASP B 172 7.02 0.94 -16.30
CA ASP B 172 6.98 -0.42 -15.78
C ASP B 172 8.28 -1.16 -16.07
N THR B 173 8.77 -1.02 -17.28
CA THR B 173 10.01 -1.68 -17.70
C THR B 173 11.17 -1.33 -16.79
N GLU B 174 11.32 -0.04 -16.51
CA GLU B 174 12.41 0.41 -15.66
C GLU B 174 12.26 -0.12 -14.24
N LYS B 175 11.04 -0.08 -13.71
CA LYS B 175 10.80 -0.55 -12.34
C LYS B 175 11.01 -2.05 -12.22
N LEU B 176 10.50 -2.80 -13.18
CA LEU B 176 10.67 -4.26 -13.17
C LEU B 176 12.12 -4.66 -13.38
N SER B 177 12.79 -4.01 -14.32
CA SER B 177 14.20 -4.33 -14.60
C SER B 177 15.09 -4.04 -13.40
N GLU B 178 14.79 -2.95 -12.68
CA GLU B 178 15.53 -2.60 -11.47
C GLU B 178 15.40 -3.69 -10.41
N ARG B 179 14.20 -4.22 -10.23
CA ARG B 179 13.98 -5.27 -9.25
C ARG B 179 14.72 -6.55 -9.67
N ILE B 180 14.70 -6.84 -10.96
CA ILE B 180 15.40 -8.01 -11.49
C ILE B 180 16.90 -7.86 -11.25
N ALA B 181 17.42 -6.65 -11.47
CA ALA B 181 18.84 -6.37 -11.22
C ALA B 181 19.21 -6.55 -9.76
N LYS B 182 18.36 -6.06 -8.85
CA LYS B 182 18.62 -6.19 -7.42
C LYS B 182 18.55 -7.65 -6.97
N LEU B 183 17.76 -8.45 -7.69
CA LEU B 183 17.67 -9.88 -7.40
C LEU B 183 18.83 -10.64 -8.03
N SER B 184 19.58 -9.95 -8.89
CA SER B 184 20.66 -10.59 -9.66
C SER B 184 22.05 -10.29 -9.11
N GLY B 185 22.13 -10.09 -7.79
CA GLY B 185 23.40 -9.88 -7.11
C GLY B 185 24.21 -8.72 -7.68
#